data_1TV4
#
_entry.id   1TV4
#
_cell.length_a   158.820
_cell.length_b   158.820
_cell.length_c   136.333
_cell.angle_alpha   90.00
_cell.angle_beta   90.00
_cell.angle_gamma   120.00
#
_symmetry.space_group_name_H-M   'P 63 2 2'
#
loop_
_entity.id
_entity.type
_entity.pdbx_description
1 polymer 'Monomethylamine methyltransferase mtmB1'
2 non-polymer 'SULFATE ION'
3 non-polymer '3-METHYL-5-SULFO-PYRROLIDINE-2-CARBOXYLIC ACID'
4 water water
#
_entity_poly.entity_id   1
_entity_poly.type   'polypeptide(L)'
_entity_poly.pdbx_seq_one_letter_code
;MTFRKSFDCYDFYDRAKVGEKCTQDDWDLMKIPMKAMELKQKYGLDFKGEFIPTDKDMMEKLFKAGFEMLLECGIYCTDT
HRIVKYTEDEIWDAINNVQKEFVLGTGRDAVNVRKRSVGDKAKPIVQGGPTGSPISEDVFMPVHMSYALEKEVDTIVNGV
MTSVRGKSPIPKSPYEVLAAKTETRLIKNACAMAGRPGMGVKGPETSLSAQGNISADCTGGMTCTDSHEVSQLNELKIDL
DAISVIAHYKGNSDIIMDEQMPIFGGYAGGIEETTIVDVATHINAVLMSSASWHLDGPVHIRWGSTNTRETLMIAGWACA
TISEFTDILSGNQYYPCAGPCTEMCLLEASAQSITDTASGREILSGVASAKGVVTDKTTGMEARMMGEVARATAGVEISE
VNVILDKLVSLYEKNYASAPAGKTFQECYDVKTVTPTEEYMQVYDGARKKLEDLGLVF
;
_entity_poly.pdbx_strand_id   A
#
loop_
_chem_comp.id
_chem_comp.type
_chem_comp.name
_chem_comp.formula
BG3 non-polymer '3-METHYL-5-SULFO-PYRROLIDINE-2-CARBOXYLIC ACID' 'C6 H11 N O5 S'
SO4 non-polymer 'SULFATE ION' 'O4 S -2'
#
# COMPACT_ATOMS: atom_id res chain seq x y z
N THR A 2 -24.01 11.91 21.66
CA THR A 2 -23.80 11.65 20.21
C THR A 2 -22.80 12.67 19.66
N PHE A 3 -22.45 12.54 18.39
CA PHE A 3 -21.49 13.45 17.77
C PHE A 3 -22.17 14.67 17.15
N ARG A 4 -21.41 15.75 16.99
CA ARG A 4 -21.93 16.98 16.39
C ARG A 4 -22.30 16.73 14.94
N LYS A 5 -21.30 16.26 14.18
CA LYS A 5 -21.48 15.95 12.77
C LYS A 5 -20.46 14.89 12.39
N SER A 6 -20.71 14.16 11.31
CA SER A 6 -19.76 13.16 10.88
C SER A 6 -18.45 13.88 10.65
N PHE A 7 -17.36 13.32 11.15
CA PHE A 7 -16.06 13.95 11.04
C PHE A 7 -15.51 13.98 9.61
N ASP A 8 -14.91 15.11 9.23
CA ASP A 8 -14.29 15.24 7.92
C ASP A 8 -13.04 16.11 8.00
N CYS A 9 -12.36 16.25 6.86
CA CYS A 9 -11.13 17.03 6.79
C CYS A 9 -11.27 18.46 7.28
N TYR A 10 -12.48 19.02 7.15
CA TYR A 10 -12.72 20.39 7.59
C TYR A 10 -12.69 20.46 9.12
N ASP A 11 -13.33 19.48 9.76
CA ASP A 11 -13.33 19.42 11.22
C ASP A 11 -11.89 19.23 11.70
N PHE A 12 -11.12 18.45 10.95
CA PHE A 12 -9.74 18.20 11.34
C PHE A 12 -8.95 19.51 11.36
N TYR A 13 -9.10 20.31 10.30
CA TYR A 13 -8.40 21.59 10.23
C TYR A 13 -8.78 22.45 11.43
N ASP A 14 -10.09 22.56 11.66
CA ASP A 14 -10.59 23.36 12.78
C ASP A 14 -9.95 22.95 14.09
N ARG A 15 -9.96 21.65 14.38
CA ARG A 15 -9.37 21.16 15.63
C ARG A 15 -7.86 21.28 15.70
N ALA A 16 -7.20 21.11 14.56
CA ALA A 16 -5.75 21.20 14.51
C ALA A 16 -5.23 22.58 14.86
N LYS A 17 -6.08 23.59 14.77
CA LYS A 17 -5.67 24.96 15.08
C LYS A 17 -5.80 25.31 16.55
N VAL A 18 -6.57 24.52 17.30
CA VAL A 18 -6.78 24.79 18.71
C VAL A 18 -6.56 23.58 19.62
N GLY A 19 -6.04 22.49 19.06
CA GLY A 19 -5.80 21.31 19.86
C GLY A 19 -4.67 21.47 20.86
N GLU A 20 -4.48 20.45 21.70
CA GLU A 20 -3.42 20.46 22.70
C GLU A 20 -2.05 20.69 22.06
N LYS A 21 -1.34 21.72 22.50
CA LYS A 21 -0.01 22.01 21.98
C LYS A 21 0.92 20.88 22.39
N CYS A 22 1.86 20.52 21.52
CA CYS A 22 2.76 19.42 21.80
C CYS A 22 3.92 19.41 20.80
N THR A 23 5.13 19.11 21.27
CA THR A 23 6.27 19.07 20.36
C THR A 23 6.24 17.75 19.62
N GLN A 24 6.87 17.69 18.45
CA GLN A 24 6.85 16.45 17.68
C GLN A 24 7.62 15.35 18.42
N ASP A 25 8.62 15.74 19.19
CA ASP A 25 9.40 14.76 19.95
C ASP A 25 8.55 14.18 21.07
N ASP A 26 7.73 15.01 21.71
CA ASP A 26 6.86 14.52 22.77
C ASP A 26 5.94 13.47 22.17
N TRP A 27 5.55 13.70 20.92
CA TRP A 27 4.65 12.78 20.24
C TRP A 27 5.34 11.48 19.84
N ASP A 28 6.44 11.59 19.09
CA ASP A 28 7.17 10.42 18.60
C ASP A 28 7.92 9.61 19.65
N LEU A 29 8.55 10.31 20.59
CA LEU A 29 9.37 9.67 21.60
C LEU A 29 8.68 9.38 22.93
N MET A 30 7.43 9.82 23.09
CA MET A 30 6.73 9.58 24.34
C MET A 30 5.27 9.15 24.22
N LYS A 31 4.41 10.04 23.75
CA LYS A 31 3.00 9.73 23.63
C LYS A 31 2.68 8.46 22.86
N ILE A 32 3.20 8.33 21.65
CA ILE A 32 2.94 7.14 20.85
C ILE A 32 3.54 5.86 21.43
N PRO A 33 4.87 5.85 21.67
CA PRO A 33 5.45 4.62 22.24
C PRO A 33 4.87 4.20 23.58
N MET A 34 4.51 5.18 24.42
CA MET A 34 3.94 4.87 25.74
C MET A 34 2.57 4.21 25.60
N LYS A 35 1.73 4.76 24.74
CA LYS A 35 0.39 4.19 24.54
C LYS A 35 0.46 2.80 23.92
N ALA A 36 1.35 2.61 22.95
CA ALA A 36 1.49 1.30 22.30
C ALA A 36 1.95 0.28 23.34
N MET A 37 2.90 0.67 24.17
CA MET A 37 3.43 -0.20 25.22
C MET A 37 2.33 -0.51 26.23
N GLU A 38 1.61 0.53 26.64
CA GLU A 38 0.53 0.38 27.60
C GLU A 38 -0.57 -0.57 27.11
N LEU A 39 -1.04 -0.33 25.90
CA LEU A 39 -2.12 -1.15 25.34
C LEU A 39 -1.68 -2.59 25.05
N LYS A 40 -0.44 -2.78 24.66
CA LYS A 40 0.06 -4.13 24.38
C LYS A 40 -0.03 -4.99 25.64
N GLN A 41 0.41 -4.43 26.76
CA GLN A 41 0.37 -5.17 28.03
C GLN A 41 -1.06 -5.26 28.55
N LYS A 42 -1.80 -4.15 28.46
CA LYS A 42 -3.18 -4.13 28.93
C LYS A 42 -4.00 -5.26 28.31
N TYR A 43 -3.84 -5.47 27.01
CA TYR A 43 -4.58 -6.52 26.32
C TYR A 43 -3.81 -7.83 26.19
N GLY A 44 -2.59 -7.84 26.72
CA GLY A 44 -1.77 -9.05 26.65
C GLY A 44 -1.57 -9.56 25.24
N LEU A 45 -1.31 -8.64 24.30
CA LEU A 45 -1.11 -9.04 22.92
C LEU A 45 0.18 -9.84 22.73
N ASP A 46 0.04 -10.97 22.04
CA ASP A 46 1.16 -11.85 21.77
C ASP A 46 0.78 -12.63 20.50
N PHE A 47 1.47 -12.34 19.40
CA PHE A 47 1.17 -13.00 18.14
C PHE A 47 1.75 -14.40 18.02
N LYS A 48 2.59 -14.77 18.99
CA LYS A 48 3.19 -16.10 19.03
C LYS A 48 3.79 -16.59 17.71
N GLY A 49 4.43 -15.68 16.99
CA GLY A 49 5.07 -16.04 15.73
C GLY A 49 4.19 -16.30 14.52
N GLU A 50 2.88 -16.14 14.67
CA GLU A 50 1.96 -16.36 13.56
C GLU A 50 1.94 -15.18 12.59
N PHE A 51 1.82 -15.48 11.30
CA PHE A 51 1.75 -14.43 10.28
C PHE A 51 0.31 -13.96 10.16
N ILE A 52 -0.61 -14.93 10.18
CA ILE A 52 -2.04 -14.64 10.08
C ILE A 52 -2.75 -15.31 11.24
N PRO A 53 -3.44 -14.51 12.08
CA PRO A 53 -4.17 -15.02 13.25
C PRO A 53 -5.43 -15.80 12.96
N THR A 54 -5.75 -16.71 13.88
CA THR A 54 -6.95 -17.54 13.82
C THR A 54 -7.65 -17.40 15.19
N ASP A 55 -6.89 -16.92 16.17
CA ASP A 55 -7.40 -16.72 17.53
C ASP A 55 -8.28 -15.46 17.54
N LYS A 56 -9.59 -15.65 17.49
CA LYS A 56 -10.55 -14.54 17.48
C LYS A 56 -10.47 -13.65 18.72
N ASP A 57 -10.16 -14.24 19.86
N ASP A 57 -10.15 -14.26 19.85
CA ASP A 57 -10.07 -13.47 21.10
CA ASP A 57 -10.02 -13.54 21.10
C ASP A 57 -8.87 -12.52 21.05
C ASP A 57 -8.86 -12.55 21.03
N MET A 58 -7.73 -13.01 20.55
CA MET A 58 -6.54 -12.18 20.44
C MET A 58 -6.78 -11.09 19.41
N MET A 59 -7.52 -11.42 18.36
CA MET A 59 -7.84 -10.46 17.30
C MET A 59 -8.76 -9.37 17.84
N GLU A 60 -9.73 -9.75 18.65
CA GLU A 60 -10.66 -8.79 19.22
C GLU A 60 -9.88 -7.83 20.12
N LYS A 61 -8.92 -8.36 20.87
CA LYS A 61 -8.12 -7.52 21.75
C LYS A 61 -7.28 -6.56 20.93
N LEU A 62 -6.76 -7.02 19.81
CA LEU A 62 -5.95 -6.15 18.96
C LEU A 62 -6.81 -5.04 18.39
N PHE A 63 -8.03 -5.38 17.97
CA PHE A 63 -8.92 -4.36 17.41
C PHE A 63 -9.23 -3.31 18.47
N LYS A 64 -9.57 -3.76 19.67
CA LYS A 64 -9.88 -2.84 20.75
C LYS A 64 -8.69 -1.96 21.07
N ALA A 65 -7.50 -2.54 21.00
CA ALA A 65 -6.26 -1.81 21.28
C ALA A 65 -6.04 -0.71 20.23
N GLY A 66 -6.21 -1.06 18.96
CA GLY A 66 -6.03 -0.09 17.90
C GLY A 66 -7.04 1.04 18.01
N PHE A 67 -8.29 0.68 18.30
CA PHE A 67 -9.36 1.66 18.45
C PHE A 67 -9.02 2.59 19.62
N GLU A 68 -8.68 2.00 20.76
CA GLU A 68 -8.34 2.78 21.95
C GLU A 68 -7.14 3.68 21.75
N MET A 69 -6.19 3.23 20.95
CA MET A 69 -5.00 4.04 20.70
C MET A 69 -5.40 5.30 19.94
N LEU A 70 -6.19 5.13 18.90
CA LEU A 70 -6.63 6.27 18.10
C LEU A 70 -7.44 7.23 18.97
N LEU A 71 -8.32 6.66 19.79
CA LEU A 71 -9.18 7.45 20.67
C LEU A 71 -8.42 8.23 21.74
N GLU A 72 -7.49 7.58 22.42
CA GLU A 72 -6.74 8.23 23.49
C GLU A 72 -5.57 9.11 23.04
N CYS A 73 -4.97 8.80 21.90
CA CYS A 73 -3.86 9.60 21.40
C CYS A 73 -4.32 10.73 20.49
N GLY A 74 -5.08 10.38 19.46
CA GLY A 74 -5.53 11.38 18.50
C GLY A 74 -4.50 11.44 17.39
N ILE A 75 -4.54 12.52 16.61
CA ILE A 75 -3.60 12.68 15.49
C ILE A 75 -2.81 13.98 15.62
N TYR A 76 -1.50 13.86 15.47
CA TYR A 76 -0.62 15.03 15.56
C TYR A 76 -0.55 15.74 14.23
N CYS A 77 -0.76 17.05 14.24
CA CYS A 77 -0.70 17.86 13.03
C CYS A 77 0.65 18.59 13.05
N THR A 78 1.53 18.22 12.13
CA THR A 78 2.87 18.81 12.06
C THR A 78 2.90 20.33 11.86
N ASP A 79 2.00 20.85 11.04
CA ASP A 79 1.95 22.28 10.76
C ASP A 79 1.66 23.15 11.98
N THR A 80 0.69 22.73 12.78
CA THR A 80 0.27 23.48 13.95
C THR A 80 0.84 22.99 15.27
N HIS A 81 1.55 21.87 15.25
CA HIS A 81 2.13 21.28 16.45
C HIS A 81 1.06 21.09 17.53
N ARG A 82 -0.14 20.71 17.10
CA ARG A 82 -1.24 20.47 18.02
C ARG A 82 -1.86 19.11 17.74
N ILE A 83 -2.57 18.57 18.73
CA ILE A 83 -3.19 17.26 18.61
C ILE A 83 -4.69 17.32 18.36
N VAL A 84 -5.15 16.55 17.38
CA VAL A 84 -6.58 16.49 17.08
C VAL A 84 -7.13 15.24 17.77
N LYS A 85 -8.20 15.41 18.54
CA LYS A 85 -8.82 14.30 19.26
C LYS A 85 -10.21 13.98 18.74
N TYR A 86 -10.51 12.69 18.65
CA TYR A 86 -11.82 12.22 18.21
C TYR A 86 -12.57 11.73 19.43
N THR A 87 -13.89 11.61 19.31
CA THR A 87 -14.69 11.08 20.40
C THR A 87 -15.03 9.66 19.96
N GLU A 88 -15.46 8.83 20.89
CA GLU A 88 -15.78 7.44 20.56
C GLU A 88 -16.92 7.38 19.54
N ASP A 89 -17.92 8.25 19.71
CA ASP A 89 -19.06 8.26 18.81
C ASP A 89 -18.69 8.66 17.39
N GLU A 90 -17.74 9.58 17.25
CA GLU A 90 -17.30 10.02 15.93
C GLU A 90 -16.60 8.87 15.22
N ILE A 91 -15.78 8.12 15.97
CA ILE A 91 -15.06 6.99 15.39
C ILE A 91 -16.01 5.90 14.90
N TRP A 92 -17.02 5.58 15.70
CA TRP A 92 -17.98 4.55 15.32
C TRP A 92 -18.82 4.98 14.12
N ASP A 93 -19.16 6.27 14.06
CA ASP A 93 -19.95 6.77 12.93
C ASP A 93 -19.15 6.53 11.64
N ALA A 94 -17.84 6.74 11.70
CA ALA A 94 -16.97 6.53 10.55
C ALA A 94 -16.87 5.05 10.19
N ILE A 95 -16.59 4.21 11.20
CA ILE A 95 -16.46 2.78 10.96
C ILE A 95 -17.77 2.15 10.48
N ASN A 96 -18.88 2.60 11.05
CA ASN A 96 -20.20 2.06 10.69
C ASN A 96 -20.70 2.46 9.30
N ASN A 97 -20.02 3.41 8.67
CA ASN A 97 -20.44 3.87 7.36
C ASN A 97 -19.26 3.97 6.40
N VAL A 98 -18.66 2.83 6.08
CA VAL A 98 -17.53 2.81 5.17
C VAL A 98 -18.03 2.41 3.79
N GLN A 99 -17.28 2.77 2.75
CA GLN A 99 -17.67 2.44 1.39
C GLN A 99 -17.66 0.92 1.26
N LYS A 100 -18.79 0.38 0.83
CA LYS A 100 -18.94 -1.07 0.68
C LYS A 100 -18.17 -1.66 -0.49
N GLU A 101 -18.22 -0.99 -1.62
CA GLU A 101 -17.54 -1.47 -2.81
C GLU A 101 -17.44 -0.32 -3.78
N PHE A 102 -16.64 -0.51 -4.82
CA PHE A 102 -16.49 0.52 -5.84
C PHE A 102 -15.89 -0.08 -7.10
N VAL A 103 -15.97 0.68 -8.19
CA VAL A 103 -15.45 0.24 -9.47
C VAL A 103 -14.24 1.08 -9.85
N LEU A 104 -13.23 0.42 -10.40
CA LEU A 104 -12.02 1.09 -10.84
C LEU A 104 -11.94 0.87 -12.35
N GLY A 105 -11.51 1.90 -13.08
CA GLY A 105 -11.40 1.77 -14.52
C GLY A 105 -12.74 2.01 -15.21
N THR A 106 -12.74 1.89 -16.53
CA THR A 106 -13.95 2.12 -17.32
C THR A 106 -14.06 1.12 -18.47
N GLY A 107 -15.22 1.13 -19.13
CA GLY A 107 -15.45 0.25 -20.26
C GLY A 107 -15.26 -1.22 -19.94
N ARG A 108 -14.77 -1.96 -20.94
CA ARG A 108 -14.53 -3.38 -20.78
C ARG A 108 -13.49 -3.69 -19.70
N ASP A 109 -12.57 -2.73 -19.50
CA ASP A 109 -11.47 -2.90 -18.56
C ASP A 109 -11.72 -2.57 -17.09
N ALA A 110 -12.94 -2.15 -16.77
CA ALA A 110 -13.28 -1.81 -15.40
C ALA A 110 -13.33 -3.07 -14.54
N VAL A 111 -13.05 -2.92 -13.24
CA VAL A 111 -13.10 -4.06 -12.32
C VAL A 111 -13.80 -3.65 -11.03
N ASN A 112 -14.53 -4.59 -10.44
CA ASN A 112 -15.24 -4.32 -9.18
C ASN A 112 -14.37 -4.72 -8.00
N VAL A 113 -14.33 -3.83 -7.00
CA VAL A 113 -13.56 -4.10 -5.80
C VAL A 113 -14.56 -4.38 -4.68
N ARG A 114 -14.55 -5.59 -4.17
CA ARG A 114 -15.47 -5.99 -3.11
C ARG A 114 -14.67 -6.59 -1.96
N LYS A 115 -15.25 -6.59 -0.77
CA LYS A 115 -14.55 -7.13 0.39
C LYS A 115 -14.21 -8.61 0.30
N ARG A 116 -13.02 -8.96 0.78
CA ARG A 116 -12.56 -10.35 0.83
C ARG A 116 -12.36 -10.67 2.30
N SER A 117 -12.65 -11.90 2.71
CA SER A 117 -12.46 -12.27 4.11
C SER A 117 -11.16 -13.04 4.24
N VAL A 118 -10.77 -13.33 5.47
CA VAL A 118 -9.55 -14.09 5.69
C VAL A 118 -9.74 -15.45 5.03
N GLY A 119 -8.74 -15.89 4.27
CA GLY A 119 -8.79 -17.17 3.60
C GLY A 119 -9.80 -17.27 2.47
N ASP A 120 -10.34 -16.13 2.04
CA ASP A 120 -11.33 -16.07 0.98
C ASP A 120 -10.91 -16.82 -0.28
N LYS A 121 -11.88 -17.48 -0.92
CA LYS A 121 -11.63 -18.22 -2.15
C LYS A 121 -11.49 -17.25 -3.33
N ALA A 122 -12.02 -16.05 -3.16
CA ALA A 122 -11.93 -15.03 -4.21
C ALA A 122 -10.52 -14.48 -4.28
N LYS A 123 -10.08 -14.10 -5.47
CA LYS A 123 -8.74 -13.56 -5.67
C LYS A 123 -8.79 -12.05 -5.53
N PRO A 124 -7.76 -11.46 -4.89
CA PRO A 124 -7.76 -10.00 -4.74
C PRO A 124 -7.47 -9.29 -6.06
N ILE A 125 -7.74 -7.99 -6.11
CA ILE A 125 -7.48 -7.20 -7.30
C ILE A 125 -5.97 -6.99 -7.36
N VAL A 126 -5.40 -7.19 -8.56
CA VAL A 126 -3.97 -7.02 -8.76
C VAL A 126 -3.67 -5.67 -9.37
N GLN A 127 -3.07 -4.79 -8.57
CA GLN A 127 -2.71 -3.46 -9.02
C GLN A 127 -1.21 -3.47 -9.27
N GLY A 128 -0.83 -3.63 -10.54
CA GLY A 128 0.58 -3.70 -10.88
C GLY A 128 1.15 -2.45 -11.52
N GLY A 129 2.40 -2.17 -11.21
CA GLY A 129 3.06 -1.02 -11.78
C GLY A 129 4.39 -0.77 -11.10
N PRO A 130 5.12 0.28 -11.53
CA PRO A 130 6.43 0.63 -10.95
C PRO A 130 6.29 0.96 -9.47
N THR A 131 5.05 1.14 -9.03
CA THR A 131 4.77 1.42 -7.63
C THR A 131 5.58 2.61 -7.10
N GLY A 132 5.49 3.74 -7.79
CA GLY A 132 6.17 4.95 -7.39
C GLY A 132 7.65 5.03 -7.62
N SER A 133 8.23 4.00 -8.24
CA SER A 133 9.65 3.96 -8.51
C SER A 133 10.03 4.91 -9.66
N PRO A 134 11.27 5.42 -9.64
CA PRO A 134 11.71 6.33 -10.69
C PRO A 134 11.86 5.62 -12.04
N ILE A 135 11.23 6.17 -13.07
CA ILE A 135 11.28 5.60 -14.41
C ILE A 135 11.73 6.66 -15.41
N SER A 136 12.72 6.32 -16.25
CA SER A 136 13.25 7.24 -17.25
C SER A 136 12.13 7.70 -18.18
N GLU A 137 12.17 8.97 -18.54
CA GLU A 137 11.15 9.54 -19.41
C GLU A 137 10.97 8.79 -20.73
N ASP A 138 12.07 8.42 -21.39
CA ASP A 138 11.93 7.76 -22.69
C ASP A 138 11.37 6.34 -22.68
N VAL A 139 11.17 5.75 -21.51
CA VAL A 139 10.58 4.42 -21.45
C VAL A 139 9.38 4.42 -20.50
N PHE A 140 8.82 5.59 -20.23
CA PHE A 140 7.69 5.66 -19.32
C PHE A 140 6.52 4.81 -19.80
N MET A 141 6.11 4.97 -21.06
CA MET A 141 4.99 4.17 -21.54
C MET A 141 5.37 2.69 -21.67
N PRO A 142 6.53 2.37 -22.27
CA PRO A 142 6.91 0.97 -22.40
C PRO A 142 6.91 0.24 -21.05
N VAL A 143 7.48 0.86 -20.03
CA VAL A 143 7.52 0.23 -18.71
C VAL A 143 6.13 -0.06 -18.18
N HIS A 144 5.23 0.92 -18.26
CA HIS A 144 3.88 0.67 -17.76
C HIS A 144 3.14 -0.34 -18.63
N MET A 145 3.47 -0.36 -19.91
CA MET A 145 2.84 -1.30 -20.82
C MET A 145 3.18 -2.73 -20.42
N SER A 146 4.35 -2.91 -19.79
CA SER A 146 4.76 -4.25 -19.36
C SER A 146 3.81 -4.80 -18.29
N TYR A 147 3.04 -3.92 -17.66
CA TYR A 147 2.08 -4.36 -16.65
C TYR A 147 0.71 -4.55 -17.29
N ALA A 148 0.32 -3.61 -18.15
CA ALA A 148 -0.97 -3.68 -18.83
C ALA A 148 -1.07 -4.92 -19.72
N LEU A 149 0.08 -5.35 -20.24
CA LEU A 149 0.12 -6.53 -21.12
C LEU A 149 -0.04 -7.85 -20.37
N GLU A 150 0.05 -7.80 -19.04
CA GLU A 150 -0.10 -9.01 -18.21
C GLU A 150 -1.58 -9.18 -17.83
N LYS A 151 -2.18 -10.29 -18.23
CA LYS A 151 -3.59 -10.51 -17.89
C LYS A 151 -3.79 -10.59 -16.38
N GLU A 152 -2.71 -10.89 -15.65
CA GLU A 152 -2.78 -10.97 -14.19
C GLU A 152 -3.10 -9.61 -13.56
N VAL A 153 -2.69 -8.53 -14.22
CA VAL A 153 -2.88 -7.18 -13.71
C VAL A 153 -4.26 -6.61 -14.04
N ASP A 154 -4.91 -6.04 -13.02
CA ASP A 154 -6.25 -5.45 -13.14
C ASP A 154 -6.24 -3.92 -13.27
N THR A 155 -5.38 -3.28 -12.47
CA THR A 155 -5.26 -1.82 -12.49
C THR A 155 -3.77 -1.51 -12.45
N ILE A 156 -3.42 -0.24 -12.68
CA ILE A 156 -2.03 0.17 -12.69
C ILE A 156 -1.69 1.10 -11.52
N VAL A 157 -0.53 0.89 -10.90
CA VAL A 157 -0.08 1.80 -9.85
C VAL A 157 1.08 2.53 -10.52
N ASN A 158 0.92 3.85 -10.67
CA ASN A 158 1.88 4.70 -11.35
C ASN A 158 3.32 4.75 -10.84
N GLY A 159 4.23 4.88 -11.81
CA GLY A 159 5.64 5.03 -11.48
C GLY A 159 5.87 6.54 -11.45
N VAL A 160 7.10 6.96 -11.19
CA VAL A 160 7.44 8.37 -11.12
C VAL A 160 8.31 8.79 -12.31
N MET A 161 7.96 9.90 -12.96
CA MET A 161 8.73 10.38 -14.10
C MET A 161 10.02 11.04 -13.58
N THR A 162 11.19 10.55 -14.01
CA THR A 162 12.44 11.15 -13.56
C THR A 162 12.55 12.54 -14.17
N SER A 163 11.92 12.71 -15.33
N SER A 163 11.92 12.72 -15.33
CA SER A 163 11.91 13.98 -16.04
CA SER A 163 11.92 14.00 -16.03
C SER A 163 10.67 14.08 -16.92
C SER A 163 10.71 14.09 -16.96
N VAL A 164 10.32 15.31 -17.29
CA VAL A 164 9.20 15.55 -18.19
C VAL A 164 9.73 16.68 -19.08
N ARG A 165 9.75 16.43 -20.38
CA ARG A 165 10.30 17.39 -21.34
C ARG A 165 11.76 17.67 -20.96
N GLY A 166 12.43 16.61 -20.51
CA GLY A 166 13.84 16.69 -20.15
C GLY A 166 14.21 17.45 -18.89
N LYS A 167 13.23 17.77 -18.05
CA LYS A 167 13.51 18.51 -16.83
C LYS A 167 12.94 17.80 -15.59
N SER A 168 13.63 17.94 -14.47
CA SER A 168 13.18 17.33 -13.22
C SER A 168 11.89 18.01 -12.78
N PRO A 169 10.89 17.23 -12.33
CA PRO A 169 9.62 17.79 -11.89
C PRO A 169 9.73 18.34 -10.46
N ILE A 170 10.61 19.33 -10.28
CA ILE A 170 10.84 19.95 -8.99
C ILE A 170 9.57 20.42 -8.29
N PRO A 171 9.37 20.03 -7.02
CA PRO A 171 8.17 20.45 -6.29
C PRO A 171 7.96 21.96 -6.36
N LYS A 172 6.71 22.35 -6.61
CA LYS A 172 6.30 23.74 -6.73
C LYS A 172 6.82 24.46 -7.98
N SER A 173 7.30 23.69 -8.95
CA SER A 173 7.76 24.26 -10.21
C SER A 173 6.67 23.92 -11.23
N PRO A 174 6.62 24.63 -12.37
CA PRO A 174 5.57 24.27 -13.32
C PRO A 174 5.76 22.85 -13.87
N TYR A 175 6.99 22.34 -13.80
CA TYR A 175 7.26 21.00 -14.29
C TYR A 175 6.57 19.95 -13.43
N GLU A 176 6.35 20.27 -12.15
CA GLU A 176 5.68 19.34 -11.25
C GLU A 176 4.22 19.21 -11.70
N VAL A 177 3.60 20.34 -12.05
CA VAL A 177 2.21 20.32 -12.52
C VAL A 177 2.16 19.55 -13.83
N LEU A 178 3.09 19.84 -14.74
CA LEU A 178 3.13 19.16 -16.03
C LEU A 178 3.23 17.65 -15.83
N ALA A 179 4.09 17.23 -14.91
CA ALA A 179 4.28 15.80 -14.64
C ALA A 179 3.04 15.16 -14.02
N ALA A 180 2.41 15.87 -13.09
CA ALA A 180 1.21 15.35 -12.43
C ALA A 180 0.13 15.00 -13.45
N LYS A 181 -0.05 15.86 -14.45
CA LYS A 181 -1.06 15.63 -15.48
C LYS A 181 -0.57 14.60 -16.49
N THR A 182 0.66 14.80 -16.97
CA THR A 182 1.26 13.92 -17.99
C THR A 182 1.38 12.46 -17.55
N GLU A 183 1.82 12.26 -16.31
CA GLU A 183 1.99 10.93 -15.76
C GLU A 183 0.88 9.95 -16.13
N THR A 184 -0.35 10.26 -15.74
CA THR A 184 -1.47 9.38 -16.03
C THR A 184 -1.90 9.40 -17.49
N ARG A 185 -1.73 10.54 -18.16
CA ARG A 185 -2.09 10.62 -19.58
C ARG A 185 -1.25 9.61 -20.36
N LEU A 186 0.04 9.55 -20.06
CA LEU A 186 0.95 8.63 -20.73
C LEU A 186 0.66 7.18 -20.34
N ILE A 187 0.39 6.96 -19.07
CA ILE A 187 0.10 5.61 -18.58
C ILE A 187 -1.17 5.06 -19.20
N LYS A 188 -2.22 5.89 -19.29
CA LYS A 188 -3.46 5.40 -19.88
C LYS A 188 -3.25 5.15 -21.38
N ASN A 189 -2.31 5.87 -21.99
CA ASN A 189 -2.03 5.66 -23.40
C ASN A 189 -1.30 4.32 -23.55
N ALA A 190 -0.48 3.99 -22.55
CA ALA A 190 0.24 2.72 -22.57
C ALA A 190 -0.79 1.60 -22.43
N CYS A 191 -1.77 1.80 -21.54
CA CYS A 191 -2.81 0.81 -21.36
C CYS A 191 -3.59 0.59 -22.66
N ALA A 192 -3.87 1.69 -23.36
CA ALA A 192 -4.60 1.62 -24.62
C ALA A 192 -3.80 0.83 -25.66
N MET A 193 -2.49 1.04 -25.71
CA MET A 193 -1.64 0.33 -26.66
C MET A 193 -1.62 -1.17 -26.34
N ALA A 194 -1.89 -1.50 -25.08
CA ALA A 194 -1.92 -2.90 -24.65
C ALA A 194 -3.31 -3.49 -24.87
N GLY A 195 -4.19 -2.71 -25.49
CA GLY A 195 -5.55 -3.16 -25.76
C GLY A 195 -6.50 -3.08 -24.59
N ARG A 196 -6.17 -2.23 -23.61
CA ARG A 196 -7.02 -2.08 -22.42
C ARG A 196 -7.05 -0.59 -22.06
N PRO A 197 -7.66 0.25 -22.92
CA PRO A 197 -7.78 1.69 -22.73
C PRO A 197 -8.43 2.15 -21.42
N GLY A 198 -9.29 1.31 -20.85
CA GLY A 198 -9.99 1.71 -19.65
C GLY A 198 -9.45 1.26 -18.31
N MET A 199 -8.23 0.74 -18.26
CA MET A 199 -7.67 0.30 -16.99
C MET A 199 -7.60 1.46 -16.00
N GLY A 200 -8.00 1.20 -14.75
CA GLY A 200 -7.94 2.24 -13.74
C GLY A 200 -6.50 2.36 -13.26
N VAL A 201 -6.14 3.50 -12.70
CA VAL A 201 -4.79 3.70 -12.19
C VAL A 201 -4.83 4.18 -10.75
N LYS A 202 -3.65 4.33 -10.15
N LYS A 202 -3.65 4.33 -10.15
CA LYS A 202 -3.54 4.83 -8.78
CA LYS A 202 -3.52 4.82 -8.79
C LYS A 202 -2.40 5.85 -8.78
C LYS A 202 -2.39 5.84 -8.75
N GLY A 203 -2.70 7.04 -8.29
CA GLY A 203 -1.71 8.10 -8.23
C GLY A 203 -2.36 9.31 -7.57
N PRO A 204 -1.84 10.54 -7.78
CA PRO A 204 -0.66 10.86 -8.58
C PRO A 204 0.61 10.50 -7.80
N GLU A 205 1.72 10.30 -8.49
CA GLU A 205 2.96 9.90 -7.82
C GLU A 205 4.17 10.81 -8.02
N THR A 206 4.31 11.38 -9.22
CA THR A 206 5.46 12.24 -9.49
C THR A 206 5.41 13.55 -8.71
N SER A 207 4.20 14.07 -8.50
CA SER A 207 4.02 15.32 -7.76
C SER A 207 4.16 15.04 -6.27
N LEU A 208 4.66 16.03 -5.52
CA LEU A 208 4.84 15.89 -4.08
C LEU A 208 4.11 16.97 -3.29
N SER A 209 4.01 18.16 -3.89
CA SER A 209 3.34 19.28 -3.22
C SER A 209 1.83 19.18 -3.37
N ALA A 210 1.10 19.91 -2.53
CA ALA A 210 -0.35 19.90 -2.60
C ALA A 210 -0.84 20.43 -3.96
N GLN A 211 -0.23 21.52 -4.42
CA GLN A 211 -0.64 22.09 -5.71
C GLN A 211 -0.36 21.13 -6.85
N GLY A 212 0.73 20.37 -6.73
CA GLY A 212 1.07 19.41 -7.76
C GLY A 212 0.06 18.26 -7.78
N ASN A 213 -0.25 17.73 -6.59
CA ASN A 213 -1.20 16.62 -6.51
C ASN A 213 -2.59 17.02 -6.97
N ILE A 214 -3.00 18.23 -6.60
CA ILE A 214 -4.32 18.72 -6.96
C ILE A 214 -4.50 18.95 -8.46
N SER A 215 -3.40 19.17 -9.18
CA SER A 215 -3.47 19.40 -10.61
C SER A 215 -3.61 18.11 -11.42
N ALA A 216 -3.43 16.97 -10.77
CA ALA A 216 -3.47 15.68 -11.46
C ALA A 216 -4.81 15.30 -12.12
N ASP A 217 -5.94 15.71 -11.56
CA ASP A 217 -7.23 15.39 -12.19
C ASP A 217 -7.35 16.24 -13.44
N CYS A 218 -7.44 15.58 -14.60
CA CYS A 218 -7.54 16.33 -15.86
C CYS A 218 -8.05 15.46 -16.99
N THR A 219 -8.47 16.10 -18.08
CA THR A 219 -8.97 15.38 -19.23
C THR A 219 -7.89 14.47 -19.78
N GLY A 220 -8.22 13.20 -19.95
CA GLY A 220 -7.24 12.24 -20.46
C GLY A 220 -6.34 11.69 -19.37
N GLY A 221 -6.37 12.32 -18.19
CA GLY A 221 -5.54 11.88 -17.09
C GLY A 221 -6.35 11.20 -15.99
N MET A 222 -6.03 11.50 -14.74
CA MET A 222 -6.75 10.90 -13.63
C MET A 222 -8.19 11.42 -13.60
N THR A 223 -9.11 10.51 -13.27
CA THR A 223 -10.52 10.85 -13.19
C THR A 223 -11.13 10.14 -11.97
N CYS A 224 -12.44 10.30 -11.76
CA CYS A 224 -13.07 9.72 -10.57
C CYS A 224 -13.04 8.21 -10.42
N THR A 225 -12.78 7.49 -11.50
CA THR A 225 -12.72 6.04 -11.45
C THR A 225 -11.30 5.52 -11.17
N ASP A 226 -10.40 6.43 -10.81
CA ASP A 226 -9.03 6.05 -10.47
C ASP A 226 -8.86 6.24 -8.96
N SER A 227 -7.92 5.53 -8.35
CA SER A 227 -7.67 5.66 -6.92
C SER A 227 -6.80 6.89 -6.69
N HIS A 228 -7.25 7.79 -5.83
CA HIS A 228 -6.52 9.01 -5.52
C HIS A 228 -5.83 8.88 -4.18
N GLU A 229 -4.51 8.96 -4.21
N GLU A 229 -4.51 8.98 -4.22
CA GLU A 229 -3.69 8.78 -3.03
CA GLU A 229 -3.68 8.80 -3.05
C GLU A 229 -3.45 10.00 -2.15
C GLU A 229 -3.48 10.02 -2.14
N VAL A 230 -3.58 9.78 -0.84
CA VAL A 230 -3.36 10.81 0.16
C VAL A 230 -2.54 10.04 1.20
N SER A 231 -1.43 10.61 1.64
CA SER A 231 -0.57 9.90 2.59
C SER A 231 -0.57 10.39 4.02
N GLN A 232 -0.73 9.45 4.94
CA GLN A 232 -0.67 9.76 6.38
C GLN A 232 0.81 9.71 6.72
N LEU A 233 1.19 10.34 7.82
CA LEU A 233 2.59 10.35 8.24
C LEU A 233 2.83 9.31 9.35
N ASN A 234 4.06 9.28 9.88
CA ASN A 234 4.41 8.32 10.92
C ASN A 234 4.69 8.97 12.27
N GLU A 235 3.96 8.63 13.34
CA GLU A 235 2.87 7.65 13.31
C GLU A 235 1.66 8.43 13.88
N LEU A 236 0.46 8.14 13.38
CA LEU A 236 -0.75 8.85 13.80
C LEU A 236 -0.43 10.33 13.69
N LYS A 237 -0.06 10.73 12.47
CA LYS A 237 0.36 12.09 12.19
C LYS A 237 -0.07 12.50 10.78
N ILE A 238 -0.18 13.79 10.55
CA ILE A 238 -0.58 14.29 9.23
C ILE A 238 -0.19 15.76 9.09
N ASP A 239 -0.05 16.22 7.85
CA ASP A 239 0.30 17.60 7.56
C ASP A 239 -0.91 18.25 6.89
N LEU A 240 -1.00 19.58 6.94
CA LEU A 240 -2.14 20.25 6.34
C LEU A 240 -2.26 20.09 4.83
N ASP A 241 -1.14 19.84 4.17
CA ASP A 241 -1.16 19.64 2.72
C ASP A 241 -2.11 18.48 2.38
N ALA A 242 -1.96 17.38 3.09
CA ALA A 242 -2.80 16.20 2.86
C ALA A 242 -4.27 16.53 3.11
N ILE A 243 -4.52 17.36 4.12
CA ILE A 243 -5.88 17.74 4.46
C ILE A 243 -6.55 18.50 3.31
N SER A 244 -5.81 19.39 2.66
CA SER A 244 -6.37 20.14 1.53
C SER A 244 -6.55 19.23 0.33
N VAL A 245 -5.64 18.28 0.15
CA VAL A 245 -5.73 17.34 -0.96
C VAL A 245 -6.98 16.48 -0.80
N ILE A 246 -7.29 16.13 0.45
CA ILE A 246 -8.48 15.34 0.73
C ILE A 246 -9.73 16.13 0.34
N ALA A 247 -9.77 17.40 0.72
CA ALA A 247 -10.89 18.27 0.39
C ALA A 247 -11.11 18.31 -1.12
N HIS A 248 -10.00 18.33 -1.86
CA HIS A 248 -10.04 18.35 -3.32
C HIS A 248 -10.61 17.05 -3.89
N TYR A 249 -10.11 15.91 -3.41
CA TYR A 249 -10.59 14.61 -3.90
C TYR A 249 -12.10 14.47 -3.63
N LYS A 250 -12.52 14.85 -2.43
CA LYS A 250 -13.94 14.76 -2.07
C LYS A 250 -14.78 15.66 -2.96
N GLY A 251 -14.27 16.86 -3.21
CA GLY A 251 -14.99 17.82 -4.04
C GLY A 251 -15.14 17.42 -5.50
N ASN A 252 -14.34 16.45 -5.93
CA ASN A 252 -14.39 15.95 -7.31
C ASN A 252 -15.05 14.58 -7.38
N SER A 253 -15.54 14.09 -6.25
CA SER A 253 -16.19 12.77 -6.19
C SER A 253 -15.22 11.68 -6.62
N ASP A 254 -13.95 11.84 -6.27
CA ASP A 254 -12.89 10.87 -6.60
C ASP A 254 -12.83 9.71 -5.60
N ILE A 255 -12.48 8.52 -6.09
CA ILE A 255 -12.29 7.36 -5.21
C ILE A 255 -11.02 7.73 -4.45
N ILE A 256 -11.07 7.68 -3.12
CA ILE A 256 -9.93 8.06 -2.28
C ILE A 256 -9.20 6.88 -1.64
N MET A 257 -7.89 6.83 -1.87
CA MET A 257 -7.07 5.79 -1.28
C MET A 257 -6.12 6.43 -0.26
N ASP A 258 -6.42 6.26 1.02
CA ASP A 258 -5.59 6.78 2.10
C ASP A 258 -4.51 5.74 2.33
N GLU A 259 -3.26 6.19 2.47
N GLU A 259 -3.27 6.19 2.50
N GLU A 259 -3.28 6.20 2.52
CA GLU A 259 -2.13 5.29 2.70
CA GLU A 259 -2.18 5.25 2.73
CA GLU A 259 -2.15 5.29 2.71
C GLU A 259 -1.35 5.63 3.97
C GLU A 259 -1.36 5.62 3.96
C GLU A 259 -1.34 5.63 3.96
N GLN A 260 -0.79 4.61 4.60
CA GLN A 260 0.03 4.80 5.79
C GLN A 260 0.94 3.59 5.85
N MET A 261 2.22 3.81 6.08
N MET A 261 2.22 3.82 6.08
CA MET A 261 3.18 2.72 6.15
CA MET A 261 3.21 2.76 6.16
C MET A 261 3.88 2.72 7.51
C MET A 261 3.87 2.75 7.54
N PRO A 262 3.27 2.04 8.49
CA PRO A 262 3.83 1.96 9.85
C PRO A 262 5.20 1.32 9.83
N ILE A 263 6.13 1.87 10.61
CA ILE A 263 7.49 1.38 10.64
C ILE A 263 7.78 0.44 11.80
N PHE A 264 8.13 -0.80 11.48
CA PHE A 264 8.48 -1.77 12.50
C PHE A 264 9.81 -1.30 13.09
N GLY A 265 9.87 -1.20 14.40
CA GLY A 265 11.09 -0.74 15.05
C GLY A 265 11.11 0.77 15.06
N GLY A 266 10.01 1.37 14.63
CA GLY A 266 9.90 2.82 14.57
C GLY A 266 9.46 3.40 15.91
N TYR A 267 8.74 4.51 15.86
CA TYR A 267 8.28 5.17 17.07
C TYR A 267 7.34 4.35 17.95
N ALA A 268 6.61 3.42 17.35
CA ALA A 268 5.67 2.58 18.10
C ALA A 268 6.38 1.48 18.89
N GLY A 269 7.42 0.90 18.27
CA GLY A 269 8.15 -0.17 18.92
C GLY A 269 8.20 -1.41 18.04
N GLY A 270 8.01 -2.57 18.66
CA GLY A 270 8.06 -3.84 17.95
C GLY A 270 6.83 -4.26 17.17
N ILE A 271 6.71 -5.57 16.97
CA ILE A 271 5.60 -6.15 16.21
C ILE A 271 4.20 -5.81 16.69
N GLU A 272 3.84 -6.23 17.90
CA GLU A 272 2.50 -5.95 18.42
C GLU A 272 2.23 -4.46 18.52
N GLU A 273 3.25 -3.69 18.92
CA GLU A 273 3.11 -2.25 19.06
C GLU A 273 2.80 -1.59 17.71
N THR A 274 3.59 -1.95 16.70
CA THR A 274 3.41 -1.39 15.37
C THR A 274 2.09 -1.84 14.75
N THR A 275 1.59 -3.01 15.18
CA THR A 275 0.33 -3.52 14.65
C THR A 275 -0.83 -2.75 15.27
N ILE A 276 -0.69 -2.32 16.52
CA ILE A 276 -1.74 -1.55 17.17
C ILE A 276 -1.87 -0.24 16.41
N VAL A 277 -0.73 0.34 16.06
CA VAL A 277 -0.69 1.58 15.29
C VAL A 277 -1.34 1.37 13.92
N ASP A 278 -1.01 0.25 13.29
CA ASP A 278 -1.56 -0.07 11.97
C ASP A 278 -3.08 -0.13 12.02
N VAL A 279 -3.63 -0.79 13.03
CA VAL A 279 -5.09 -0.88 13.15
C VAL A 279 -5.65 0.53 13.35
N ALA A 280 -4.96 1.34 14.14
CA ALA A 280 -5.41 2.70 14.39
C ALA A 280 -5.41 3.55 13.12
N THR A 281 -4.41 3.36 12.26
CA THR A 281 -4.34 4.16 11.04
C THR A 281 -5.31 3.68 9.96
N HIS A 282 -5.73 2.42 10.05
CA HIS A 282 -6.70 1.88 9.10
C HIS A 282 -8.02 2.58 9.45
N ILE A 283 -8.28 2.72 10.75
CA ILE A 283 -9.51 3.37 11.19
C ILE A 283 -9.43 4.87 10.88
N ASN A 284 -8.28 5.47 11.11
CA ASN A 284 -8.14 6.89 10.84
C ASN A 284 -8.40 7.21 9.37
N ALA A 285 -8.08 6.26 8.50
CA ALA A 285 -8.27 6.44 7.07
C ALA A 285 -9.71 6.80 6.69
N VAL A 286 -10.68 6.13 7.28
CA VAL A 286 -12.08 6.39 6.96
C VAL A 286 -12.68 7.53 7.78
N LEU A 287 -11.89 8.04 8.71
CA LEU A 287 -12.34 9.12 9.58
C LEU A 287 -11.80 10.47 9.07
N MET A 288 -10.48 10.60 9.08
CA MET A 288 -9.82 11.82 8.65
C MET A 288 -9.81 12.04 7.15
N SER A 289 -9.55 10.98 6.40
CA SER A 289 -9.45 11.08 4.94
C SER A 289 -10.68 10.69 4.12
N SER A 290 -11.77 10.29 4.79
CA SER A 290 -12.99 9.89 4.07
C SER A 290 -12.61 8.87 2.98
N ALA A 291 -11.65 8.02 3.28
CA ALA A 291 -11.17 7.03 2.33
C ALA A 291 -12.19 6.03 1.81
N SER A 292 -12.01 5.63 0.55
CA SER A 292 -12.84 4.60 -0.08
C SER A 292 -12.15 3.31 0.32
N TRP A 293 -10.81 3.35 0.34
CA TRP A 293 -10.02 2.20 0.78
C TRP A 293 -8.68 2.67 1.33
N HIS A 294 -8.04 1.82 2.14
CA HIS A 294 -6.77 2.16 2.77
C HIS A 294 -5.63 1.27 2.32
N LEU A 295 -4.49 1.88 1.99
CA LEU A 295 -3.33 1.15 1.56
C LEU A 295 -2.31 1.07 2.70
N ASP A 296 -2.00 -0.15 3.13
CA ASP A 296 -1.05 -0.39 4.22
C ASP A 296 0.32 -0.58 3.57
N GLY A 297 1.33 -0.79 4.40
CA GLY A 297 2.67 -1.00 3.90
C GLY A 297 3.67 -1.02 5.05
N PRO A 298 3.52 -1.93 6.03
CA PRO A 298 4.45 -1.98 7.16
C PRO A 298 5.86 -2.15 6.62
N VAL A 299 6.78 -1.32 7.08
CA VAL A 299 8.16 -1.39 6.59
C VAL A 299 9.17 -1.54 7.72
N HIS A 300 10.22 -2.32 7.46
CA HIS A 300 11.27 -2.57 8.44
C HIS A 300 12.19 -1.35 8.56
N ILE A 301 12.32 -0.83 9.77
CA ILE A 301 13.15 0.35 9.98
C ILE A 301 14.56 0.22 9.42
N ARG A 302 15.10 -0.99 9.45
CA ARG A 302 16.45 -1.20 8.94
C ARG A 302 16.53 -1.58 7.47
N TRP A 303 15.79 -2.62 7.09
CA TRP A 303 15.81 -3.12 5.73
C TRP A 303 15.01 -2.32 4.71
N GLY A 304 14.02 -1.56 5.19
CA GLY A 304 13.21 -0.76 4.29
C GLY A 304 12.32 -1.59 3.38
N SER A 305 12.04 -2.82 3.78
CA SER A 305 11.21 -3.73 2.98
C SER A 305 9.90 -4.02 3.70
N THR A 306 8.88 -4.36 2.92
CA THR A 306 7.56 -4.67 3.45
C THR A 306 7.38 -6.17 3.60
N ASN A 307 8.36 -6.96 3.18
CA ASN A 307 8.22 -8.41 3.26
C ASN A 307 9.15 -9.15 4.23
N THR A 308 9.55 -8.49 5.31
CA THR A 308 10.38 -9.15 6.29
C THR A 308 9.42 -9.93 7.17
N ARG A 309 9.94 -10.86 7.97
CA ARG A 309 9.10 -11.66 8.83
C ARG A 309 8.20 -10.78 9.70
N GLU A 310 8.78 -9.74 10.29
CA GLU A 310 8.02 -8.84 11.16
C GLU A 310 6.95 -8.03 10.44
N THR A 311 7.29 -7.45 9.29
CA THR A 311 6.34 -6.64 8.55
C THR A 311 5.19 -7.47 7.96
N LEU A 312 5.45 -8.73 7.64
CA LEU A 312 4.41 -9.59 7.10
C LEU A 312 3.45 -9.93 8.25
N MET A 313 4.00 -10.13 9.44
CA MET A 313 3.18 -10.44 10.61
C MET A 313 2.31 -9.23 10.96
N ILE A 314 2.89 -8.04 10.89
CA ILE A 314 2.13 -6.83 11.19
C ILE A 314 0.96 -6.70 10.21
N ALA A 315 1.25 -6.85 8.92
CA ALA A 315 0.21 -6.74 7.90
C ALA A 315 -0.85 -7.83 8.06
N GLY A 316 -0.39 -9.07 8.26
CA GLY A 316 -1.31 -10.18 8.43
C GLY A 316 -2.29 -10.00 9.57
N TRP A 317 -1.77 -9.62 10.73
CA TRP A 317 -2.63 -9.42 11.89
C TRP A 317 -3.55 -8.21 11.74
N ALA A 318 -3.00 -7.10 11.25
CA ALA A 318 -3.80 -5.90 11.09
C ALA A 318 -4.97 -6.14 10.13
N CYS A 319 -4.67 -6.74 8.98
CA CYS A 319 -5.70 -6.99 7.98
C CYS A 319 -6.73 -8.02 8.45
N ALA A 320 -6.27 -9.15 8.98
CA ALA A 320 -7.19 -10.17 9.45
C ALA A 320 -8.14 -9.58 10.50
N THR A 321 -7.60 -8.71 11.35
CA THR A 321 -8.40 -8.09 12.41
C THR A 321 -9.35 -7.05 11.85
N ILE A 322 -8.87 -6.25 10.91
CA ILE A 322 -9.72 -5.23 10.28
C ILE A 322 -10.84 -5.93 9.51
N SER A 323 -10.52 -7.07 8.92
CA SER A 323 -11.50 -7.84 8.15
C SER A 323 -12.57 -8.44 9.06
N GLU A 324 -12.15 -8.88 10.23
CA GLU A 324 -13.08 -9.49 11.18
C GLU A 324 -14.07 -8.52 11.80
N PHE A 325 -13.62 -7.32 12.13
CA PHE A 325 -14.47 -6.34 12.80
C PHE A 325 -14.99 -5.13 12.03
N THR A 326 -14.58 -4.99 10.77
CA THR A 326 -15.04 -3.84 9.97
C THR A 326 -15.17 -4.25 8.51
N ASP A 327 -15.74 -3.35 7.71
CA ASP A 327 -15.89 -3.59 6.28
C ASP A 327 -14.97 -2.62 5.54
N ILE A 328 -13.94 -2.14 6.23
CA ILE A 328 -12.99 -1.23 5.61
C ILE A 328 -12.22 -1.98 4.52
N LEU A 329 -12.27 -1.45 3.29
CA LEU A 329 -11.58 -2.06 2.17
C LEU A 329 -10.12 -1.64 2.21
N SER A 330 -9.20 -2.53 1.85
CA SER A 330 -7.79 -2.17 1.89
C SER A 330 -6.88 -2.96 0.97
N GLY A 331 -5.62 -2.53 0.93
CA GLY A 331 -4.62 -3.19 0.13
C GLY A 331 -3.30 -3.05 0.84
N ASN A 332 -2.24 -3.61 0.26
CA ASN A 332 -0.92 -3.53 0.84
C ASN A 332 0.04 -3.26 -0.32
N GLN A 333 1.10 -2.49 -0.06
N GLN A 333 1.10 -2.50 -0.05
CA GLN A 333 2.08 -2.16 -1.09
CA GLN A 333 2.10 -2.16 -1.05
C GLN A 333 3.36 -2.98 -0.95
C GLN A 333 3.35 -3.03 -0.94
N TYR A 334 3.97 -3.31 -2.08
CA TYR A 334 5.16 -4.16 -2.12
C TYR A 334 6.54 -3.52 -2.31
N TYR A 335 7.42 -3.73 -1.34
CA TYR A 335 8.77 -3.20 -1.38
C TYR A 335 9.83 -4.27 -1.08
N PRO A 336 10.21 -5.06 -2.10
CA PRO A 336 11.23 -6.10 -1.89
C PRO A 336 12.61 -5.46 -1.84
N CYS A 337 13.57 -6.15 -1.23
CA CYS A 337 14.94 -5.65 -1.16
C CYS A 337 15.64 -5.86 -2.50
N ALA A 338 15.47 -7.06 -3.05
CA ALA A 338 16.09 -7.43 -4.31
C ALA A 338 15.48 -6.72 -5.53
N GLY A 339 16.28 -6.60 -6.58
CA GLY A 339 15.83 -5.95 -7.80
C GLY A 339 15.26 -6.94 -8.79
N PRO A 340 14.72 -6.44 -9.91
CA PRO A 340 14.13 -7.27 -10.97
C PRO A 340 15.08 -8.31 -11.56
N CYS A 341 14.51 -9.38 -12.12
N CYS A 341 14.50 -9.34 -12.17
CA CYS A 341 15.29 -10.43 -12.76
CA CYS A 341 15.26 -10.42 -12.79
C CYS A 341 16.15 -11.24 -11.79
C CYS A 341 16.15 -11.18 -11.79
N THR A 342 15.69 -11.35 -10.55
CA THR A 342 16.42 -12.11 -9.54
C THR A 342 15.40 -13.00 -8.86
N GLU A 343 15.84 -14.14 -8.36
CA GLU A 343 14.92 -15.06 -7.72
C GLU A 343 14.43 -14.52 -6.37
N MET A 344 15.31 -13.83 -5.65
CA MET A 344 14.94 -13.29 -4.36
C MET A 344 13.79 -12.30 -4.46
N CYS A 345 13.87 -11.39 -5.42
CA CYS A 345 12.82 -10.40 -5.62
C CYS A 345 11.48 -11.08 -5.75
N LEU A 346 11.41 -12.09 -6.63
CA LEU A 346 10.17 -12.82 -6.84
C LEU A 346 9.70 -13.56 -5.59
N LEU A 347 10.63 -14.15 -4.85
CA LEU A 347 10.25 -14.88 -3.64
C LEU A 347 9.78 -13.91 -2.57
N GLU A 348 10.40 -12.73 -2.53
CA GLU A 348 10.03 -11.71 -1.54
C GLU A 348 8.59 -11.24 -1.79
N ALA A 349 8.29 -10.90 -3.04
CA ALA A 349 6.96 -10.44 -3.39
C ALA A 349 5.95 -11.55 -3.20
N SER A 350 6.38 -12.79 -3.47
CA SER A 350 5.51 -13.94 -3.32
C SER A 350 5.09 -14.13 -1.87
N ALA A 351 6.04 -13.96 -0.96
CA ALA A 351 5.74 -14.10 0.47
C ALA A 351 4.67 -13.09 0.88
N GLN A 352 4.78 -11.86 0.39
CA GLN A 352 3.79 -10.84 0.74
C GLN A 352 2.45 -11.11 0.07
N SER A 353 2.47 -11.61 -1.17
CA SER A 353 1.23 -11.92 -1.87
C SER A 353 0.46 -12.99 -1.09
N ILE A 354 1.18 -14.00 -0.60
CA ILE A 354 0.56 -15.06 0.17
C ILE A 354 -0.07 -14.46 1.41
N THR A 355 0.71 -13.65 2.13
CA THR A 355 0.26 -13.00 3.36
C THR A 355 -0.97 -12.12 3.12
N ASP A 356 -0.86 -11.24 2.13
CA ASP A 356 -1.95 -10.32 1.81
C ASP A 356 -3.21 -11.01 1.33
N THR A 357 -3.06 -12.01 0.48
CA THR A 357 -4.23 -12.73 -0.03
C THR A 357 -4.93 -13.48 1.10
N ALA A 358 -4.18 -14.27 1.85
CA ALA A 358 -4.76 -15.05 2.94
C ALA A 358 -5.32 -14.22 4.09
N SER A 359 -4.70 -13.07 4.38
CA SER A 359 -5.17 -12.23 5.48
C SER A 359 -6.38 -11.39 5.11
N GLY A 360 -6.79 -11.44 3.85
CA GLY A 360 -7.98 -10.71 3.44
C GLY A 360 -7.87 -9.38 2.70
N ARG A 361 -6.73 -9.04 2.12
CA ARG A 361 -6.63 -7.76 1.40
C ARG A 361 -7.50 -7.78 0.15
N GLU A 362 -8.02 -6.61 -0.22
CA GLU A 362 -8.85 -6.51 -1.43
C GLU A 362 -8.00 -6.18 -2.65
N ILE A 363 -6.90 -5.48 -2.42
CA ILE A 363 -6.01 -5.06 -3.49
C ILE A 363 -4.54 -5.25 -3.17
N LEU A 364 -3.77 -5.73 -4.14
CA LEU A 364 -2.33 -5.92 -3.98
C LEU A 364 -1.69 -4.87 -4.89
N SER A 365 -0.91 -3.96 -4.32
CA SER A 365 -0.29 -2.90 -5.10
C SER A 365 1.24 -3.05 -5.14
N GLY A 366 1.75 -3.54 -6.26
CA GLY A 366 3.19 -3.74 -6.40
C GLY A 366 3.64 -3.77 -7.85
N VAL A 367 4.93 -3.97 -8.11
CA VAL A 367 5.94 -4.19 -7.07
C VAL A 367 7.07 -3.16 -7.16
N ALA A 368 7.39 -2.53 -6.04
CA ALA A 368 8.47 -1.54 -6.02
C ALA A 368 9.79 -2.28 -5.78
N SER A 369 10.23 -3.02 -6.79
CA SER A 369 11.46 -3.78 -6.71
C SER A 369 12.65 -2.89 -6.38
N ALA A 370 13.69 -3.48 -5.78
CA ALA A 370 14.89 -2.73 -5.40
C ALA A 370 14.50 -1.60 -4.45
N LYS A 371 13.51 -1.88 -3.60
CA LYS A 371 13.01 -0.92 -2.62
C LYS A 371 12.43 0.34 -3.27
N GLY A 372 12.14 0.25 -4.57
CA GLY A 372 11.55 1.36 -5.30
C GLY A 372 12.33 2.64 -5.40
N VAL A 373 13.66 2.57 -5.24
CA VAL A 373 14.49 3.76 -5.30
C VAL A 373 15.57 3.70 -6.37
N VAL A 374 15.51 2.69 -7.23
CA VAL A 374 16.50 2.55 -8.29
C VAL A 374 15.83 2.72 -9.65
N THR A 375 16.32 3.69 -10.41
CA THR A 375 15.78 4.01 -11.73
C THR A 375 15.59 2.83 -12.67
N ASP A 376 14.36 2.70 -13.18
CA ASP A 376 13.97 1.66 -14.12
C ASP A 376 14.04 0.21 -13.63
N LYS A 377 14.18 0.01 -12.33
CA LYS A 377 14.24 -1.36 -11.81
C LYS A 377 12.92 -1.91 -11.28
N THR A 378 11.93 -1.95 -12.16
CA THR A 378 10.59 -2.48 -11.87
C THR A 378 10.03 -2.93 -13.21
N THR A 379 9.45 -4.13 -13.27
CA THR A 379 8.86 -4.63 -14.52
C THR A 379 7.61 -5.45 -14.23
N GLY A 380 6.79 -5.63 -15.27
CA GLY A 380 5.57 -6.39 -15.13
C GLY A 380 5.74 -7.82 -14.65
N MET A 381 6.92 -8.40 -14.84
CA MET A 381 7.15 -9.77 -14.40
C MET A 381 6.91 -9.95 -12.91
N GLU A 382 7.29 -8.95 -12.11
CA GLU A 382 7.10 -9.04 -10.67
C GLU A 382 5.60 -9.04 -10.34
N ALA A 383 4.82 -8.26 -11.08
CA ALA A 383 3.38 -8.19 -10.85
C ALA A 383 2.74 -9.51 -11.27
N ARG A 384 3.29 -10.14 -12.32
CA ARG A 384 2.76 -11.41 -12.77
C ARG A 384 2.87 -12.43 -11.64
N MET A 385 4.02 -12.48 -10.98
CA MET A 385 4.22 -13.43 -9.89
C MET A 385 3.29 -13.08 -8.73
N MET A 386 3.20 -11.79 -8.42
CA MET A 386 2.31 -11.34 -7.34
C MET A 386 0.91 -11.88 -7.58
N GLY A 387 0.43 -11.74 -8.82
CA GLY A 387 -0.90 -12.20 -9.15
C GLY A 387 -1.07 -13.70 -9.18
N GLU A 388 -0.13 -14.41 -9.80
CA GLU A 388 -0.23 -15.87 -9.87
C GLU A 388 -0.15 -16.50 -8.48
N VAL A 389 0.62 -15.89 -7.59
CA VAL A 389 0.76 -16.38 -6.23
C VAL A 389 -0.54 -16.09 -5.46
N ALA A 390 -1.19 -14.99 -5.79
CA ALA A 390 -2.45 -14.63 -5.13
C ALA A 390 -3.49 -15.69 -5.45
N ARG A 391 -3.55 -16.10 -6.71
CA ARG A 391 -4.51 -17.14 -7.11
C ARG A 391 -4.19 -18.45 -6.39
N ALA A 392 -2.91 -18.81 -6.34
CA ALA A 392 -2.50 -20.04 -5.67
C ALA A 392 -2.88 -20.06 -4.18
N THR A 393 -2.81 -18.89 -3.56
CA THR A 393 -3.12 -18.75 -2.13
C THR A 393 -4.60 -18.73 -1.80
N ALA A 394 -5.40 -18.18 -2.70
CA ALA A 394 -6.84 -18.09 -2.48
C ALA A 394 -7.46 -19.44 -2.10
N GLY A 395 -8.22 -19.43 -1.00
CA GLY A 395 -8.89 -20.65 -0.56
C GLY A 395 -8.07 -21.62 0.28
N VAL A 396 -6.76 -21.42 0.38
CA VAL A 396 -5.92 -22.31 1.16
C VAL A 396 -6.13 -22.09 2.65
N GLU A 397 -6.16 -23.18 3.42
CA GLU A 397 -6.36 -23.12 4.86
C GLU A 397 -5.29 -22.24 5.51
N ILE A 398 -5.69 -21.40 6.44
CA ILE A 398 -4.75 -20.51 7.11
C ILE A 398 -3.64 -21.26 7.83
N SER A 399 -3.96 -22.41 8.42
CA SER A 399 -2.95 -23.19 9.11
C SER A 399 -1.83 -23.55 8.14
N GLU A 400 -2.19 -23.96 6.93
N GLU A 400 -2.20 -23.96 6.94
CA GLU A 400 -1.20 -24.32 5.91
CA GLU A 400 -1.21 -24.32 5.91
C GLU A 400 -0.44 -23.10 5.45
C GLU A 400 -0.45 -23.10 5.42
N VAL A 401 -1.14 -21.98 5.29
CA VAL A 401 -0.50 -20.74 4.84
C VAL A 401 0.59 -20.32 5.80
N ASN A 402 0.31 -20.38 7.10
CA ASN A 402 1.30 -19.99 8.10
C ASN A 402 2.56 -20.84 7.99
N VAL A 403 2.40 -22.12 7.71
CA VAL A 403 3.55 -23.02 7.58
C VAL A 403 4.36 -22.64 6.34
N ILE A 404 3.67 -22.43 5.22
CA ILE A 404 4.32 -22.05 3.97
C ILE A 404 5.10 -20.74 4.14
N LEU A 405 4.48 -19.77 4.79
CA LEU A 405 5.13 -18.48 5.00
C LEU A 405 6.40 -18.61 5.82
N ASP A 406 6.34 -19.37 6.91
CA ASP A 406 7.53 -19.55 7.75
C ASP A 406 8.68 -20.13 6.93
N LYS A 407 8.37 -21.14 6.10
CA LYS A 407 9.39 -21.77 5.27
C LYS A 407 9.91 -20.85 4.18
N LEU A 408 9.01 -20.16 3.49
CA LEU A 408 9.39 -19.25 2.41
C LEU A 408 10.25 -18.08 2.89
N VAL A 409 9.80 -17.40 3.93
CA VAL A 409 10.56 -16.27 4.46
C VAL A 409 11.97 -16.72 4.88
N SER A 410 12.07 -17.95 5.36
CA SER A 410 13.36 -18.49 5.78
C SER A 410 14.31 -18.62 4.60
N LEU A 411 13.77 -18.70 3.40
CA LEU A 411 14.57 -18.84 2.19
C LEU A 411 15.32 -17.56 1.80
N TYR A 412 14.97 -16.43 2.41
CA TYR A 412 15.66 -15.19 2.03
C TYR A 412 15.96 -14.22 3.17
N GLU A 413 15.34 -14.40 4.32
CA GLU A 413 15.53 -13.47 5.43
C GLU A 413 16.95 -13.31 5.98
N LYS A 414 17.87 -14.18 5.56
CA LYS A 414 19.25 -14.07 6.02
C LYS A 414 20.07 -13.30 5.00
N ASN A 415 19.45 -12.92 3.90
CA ASN A 415 20.15 -12.22 2.83
C ASN A 415 19.74 -10.78 2.54
N TYR A 416 19.05 -10.13 3.47
CA TYR A 416 18.63 -8.75 3.25
C TYR A 416 19.79 -7.83 2.89
N ALA A 417 20.88 -7.91 3.65
CA ALA A 417 22.03 -7.08 3.40
C ALA A 417 22.73 -7.40 2.08
N SER A 418 22.61 -8.64 1.63
CA SER A 418 23.24 -9.05 0.38
C SER A 418 22.25 -9.29 -0.75
N ALA A 419 21.07 -8.67 -0.65
CA ALA A 419 20.05 -8.82 -1.69
C ALA A 419 20.63 -8.40 -3.03
N PRO A 420 20.43 -9.23 -4.08
CA PRO A 420 20.95 -8.91 -5.41
C PRO A 420 20.33 -7.63 -5.98
N ALA A 421 21.18 -6.79 -6.58
CA ALA A 421 20.74 -5.53 -7.15
C ALA A 421 19.75 -5.70 -8.30
N GLY A 422 19.86 -6.82 -9.00
CA GLY A 422 18.96 -7.07 -10.11
C GLY A 422 19.27 -6.20 -11.30
N LYS A 423 18.35 -6.17 -12.26
CA LYS A 423 18.53 -5.39 -13.47
C LYS A 423 17.37 -4.47 -13.80
N THR A 424 17.59 -3.58 -14.75
CA THR A 424 16.57 -2.62 -15.18
C THR A 424 15.66 -3.25 -16.23
N PHE A 425 14.58 -2.53 -16.52
CA PHE A 425 13.62 -2.94 -17.53
C PHE A 425 14.35 -3.16 -18.86
N GLN A 426 15.23 -2.22 -19.19
CA GLN A 426 15.97 -2.27 -20.44
C GLN A 426 16.87 -3.51 -20.53
N GLU A 427 17.33 -4.00 -19.38
CA GLU A 427 18.22 -5.15 -19.34
C GLU A 427 17.57 -6.53 -19.34
N CYS A 428 16.31 -6.61 -18.91
N CYS A 428 16.30 -6.60 -18.93
CA CYS A 428 15.62 -7.89 -18.85
CA CYS A 428 15.62 -7.89 -18.92
C CYS A 428 14.34 -7.96 -19.70
C CYS A 428 14.31 -7.94 -19.67
N TYR A 429 14.18 -6.99 -20.61
CA TYR A 429 13.01 -6.93 -21.48
C TYR A 429 13.48 -6.46 -22.84
N ASP A 430 12.75 -6.84 -23.88
CA ASP A 430 13.04 -6.36 -25.22
C ASP A 430 12.22 -5.06 -25.13
N VAL A 431 12.90 -3.93 -25.03
CA VAL A 431 12.23 -2.65 -24.89
C VAL A 431 11.22 -2.28 -25.98
N LYS A 432 11.45 -2.75 -27.21
CA LYS A 432 10.55 -2.44 -28.32
C LYS A 432 9.24 -3.22 -28.29
N THR A 433 9.33 -4.53 -28.11
CA THR A 433 8.13 -5.36 -28.08
C THR A 433 7.59 -5.52 -26.66
N VAL A 434 8.30 -4.95 -25.69
CA VAL A 434 7.90 -5.02 -24.29
C VAL A 434 7.68 -6.47 -23.87
N THR A 435 8.68 -7.30 -24.11
CA THR A 435 8.61 -8.72 -23.77
C THR A 435 9.82 -9.09 -22.90
N PRO A 436 9.60 -9.87 -21.83
CA PRO A 436 10.71 -10.27 -20.97
C PRO A 436 11.70 -11.17 -21.70
N THR A 437 12.96 -11.15 -21.27
CA THR A 437 13.98 -11.96 -21.91
C THR A 437 13.96 -13.40 -21.38
N GLU A 438 14.60 -14.29 -22.12
CA GLU A 438 14.66 -15.69 -21.73
C GLU A 438 15.31 -15.76 -20.35
N GLU A 439 16.26 -14.86 -20.13
CA GLU A 439 16.97 -14.80 -18.86
C GLU A 439 15.98 -14.66 -17.71
N TYR A 440 15.09 -13.68 -17.81
CA TYR A 440 14.10 -13.44 -16.76
C TYR A 440 13.14 -14.64 -16.64
N MET A 441 12.71 -15.16 -17.78
CA MET A 441 11.80 -16.30 -17.78
C MET A 441 12.38 -17.49 -17.01
N GLN A 442 13.69 -17.71 -17.15
CA GLN A 442 14.35 -18.81 -16.46
C GLN A 442 14.38 -18.54 -14.96
N VAL A 443 14.65 -17.29 -14.59
CA VAL A 443 14.67 -16.91 -13.19
C VAL A 443 13.28 -17.14 -12.62
N TYR A 444 12.27 -16.72 -13.38
CA TYR A 444 10.88 -16.87 -12.99
C TYR A 444 10.53 -18.32 -12.72
N ASP A 445 10.90 -19.21 -13.65
CA ASP A 445 10.61 -20.63 -13.50
C ASP A 445 11.24 -21.18 -12.22
N GLY A 446 12.47 -20.75 -11.93
CA GLY A 446 13.15 -21.22 -10.74
C GLY A 446 12.42 -20.85 -9.46
N ALA A 447 11.91 -19.62 -9.40
CA ALA A 447 11.19 -19.15 -8.22
C ALA A 447 9.89 -19.93 -8.10
N ARG A 448 9.19 -20.08 -9.21
CA ARG A 448 7.93 -20.81 -9.24
C ARG A 448 8.09 -22.24 -8.73
N LYS A 449 9.18 -22.89 -9.14
CA LYS A 449 9.43 -24.27 -8.71
C LYS A 449 9.62 -24.35 -7.20
N LYS A 450 10.38 -23.41 -6.65
CA LYS A 450 10.62 -23.40 -5.21
C LYS A 450 9.32 -23.19 -4.44
N LEU A 451 8.43 -22.37 -4.99
CA LEU A 451 7.16 -22.12 -4.34
C LEU A 451 6.30 -23.38 -4.39
N GLU A 452 6.35 -24.09 -5.51
CA GLU A 452 5.58 -25.31 -5.65
C GLU A 452 6.08 -26.38 -4.68
N ASP A 453 7.39 -26.40 -4.46
CA ASP A 453 7.98 -27.37 -3.55
C ASP A 453 7.52 -27.10 -2.13
N LEU A 454 7.10 -25.87 -1.85
CA LEU A 454 6.62 -25.52 -0.51
C LEU A 454 5.15 -25.89 -0.34
N GLY A 455 4.51 -26.30 -1.44
CA GLY A 455 3.12 -26.69 -1.36
C GLY A 455 2.13 -25.83 -2.13
N LEU A 456 2.60 -24.73 -2.71
CA LEU A 456 1.72 -23.86 -3.49
C LEU A 456 1.33 -24.49 -4.82
N VAL A 457 0.06 -24.39 -5.17
CA VAL A 457 -0.45 -24.92 -6.42
C VAL A 457 -0.97 -23.77 -7.27
N PHE A 458 -0.25 -23.48 -8.36
CA PHE A 458 -0.61 -22.39 -9.26
C PHE A 458 -1.83 -22.70 -10.12
S SO4 B . 17.34 -9.14 11.24
O1 SO4 B . 18.52 -10.00 11.42
O2 SO4 B . 16.38 -9.79 10.34
O3 SO4 B . 16.71 -8.89 12.55
O4 SO4 B . 17.77 -7.85 10.65
S SO4 C . 19.38 -14.65 -6.37
O1 SO4 C . 20.27 -14.33 -5.23
O2 SO4 C . 19.56 -16.06 -6.77
O3 SO4 C . 17.98 -14.43 -5.97
O4 SO4 C . 19.71 -13.77 -7.50
S SO4 D . 15.82 11.29 -17.89
O1 SO4 D . 16.93 10.32 -17.85
O2 SO4 D . 14.57 10.61 -18.28
O3 SO4 D . 15.64 11.89 -16.55
O4 SO4 D . 16.11 12.36 -18.87
S SO4 E . 15.94 -13.70 -25.72
O1 SO4 E . 17.20 -14.26 -25.17
O2 SO4 E . 15.23 -14.76 -26.46
O3 SO4 E . 15.10 -13.22 -24.62
O4 SO4 E . 16.26 -12.60 -26.64
S SO4 F . -8.23 -22.37 8.82
O1 SO4 F . -6.85 -22.80 9.13
O2 SO4 F . -9.13 -23.53 8.89
O3 SO4 F . -8.66 -21.36 9.80
O4 SO4 F . -8.27 -21.79 7.47
S SO4 G . 24.51 -8.09 -7.17
O1 SO4 G . 25.01 -9.22 -6.37
O2 SO4 G . 23.35 -8.52 -7.97
O3 SO4 G . 24.13 -6.98 -6.28
O4 SO4 G . 25.58 -7.64 -8.09
S SO4 H . 17.03 19.49 -14.46
O1 SO4 H . 18.12 19.00 -13.59
O2 SO4 H . 16.25 18.35 -14.95
O3 SO4 H . 16.16 20.39 -13.68
O4 SO4 H . 17.61 20.22 -15.60
S SO4 I . 5.78 -12.21 18.19
O1 SO4 I . 4.68 -11.57 17.45
O2 SO4 I . 5.78 -11.74 19.60
O3 SO4 I . 5.62 -13.67 18.17
O4 SO4 I . 7.06 -11.85 17.56
S SO4 J . 9.13 20.17 14.05
O1 SO4 J . 10.26 19.75 13.20
O2 SO4 J . 7.90 20.26 13.24
O3 SO4 J . 8.94 19.19 15.13
O4 SO4 J . 9.43 21.49 14.64
S SO4 K . -23.98 -3.83 4.78
O1 SO4 K . -22.95 -4.44 3.90
O2 SO4 K . -25.27 -3.80 4.07
O3 SO4 K . -24.11 -4.62 6.01
O4 SO4 K . -23.58 -2.46 5.11
C1 BG3 L . 0.98 2.92 -3.97
C1 BG3 L . 1.05 3.18 -4.13
C2 BG3 L . 2.27 3.70 -3.53
C2 BG3 L . 2.30 3.90 -3.52
C3 BG3 L . 2.75 4.83 -4.38
C3 BG3 L . 3.65 3.23 -3.66
C4 BG3 L . 3.93 5.27 -3.57
C4 BG3 L . 4.52 4.29 -3.03
C5 BG3 L . 3.15 5.31 -2.22
C5 BG3 L . 3.86 5.51 -3.72
C6 BG3 L . 3.21 4.40 -5.71
C6 BG3 L . 3.78 2.01 -2.84
O1 BG3 L . 0.99 1.70 -4.17
O1 BG3 L . 0.89 1.97 -4.10
N1 BG3 L . 2.07 4.25 -2.18
N1 BG3 L . 2.43 5.22 -4.12
S1 BG3 L . 4.28 5.11 -0.83
S1 BG3 L . 3.97 6.95 -2.66
O2 BG3 L . 5.30 6.18 -0.91
O2 BG3 L . 5.35 7.43 -2.67
O3 BG3 L . 3.49 5.17 0.41
O3 BG3 L . 3.01 7.95 -3.13
O4 BG3 L . 4.95 3.81 -0.97
O4 BG3 L . 3.64 6.53 -1.28
#